data_6DN2
#
_entry.id   6DN2
#
_cell.length_a   71.070
_cell.length_b   71.070
_cell.length_c   140.480
_cell.angle_alpha   90.000
_cell.angle_beta   90.000
_cell.angle_gamma   120.000
#
_symmetry.space_group_name_H-M   'P 31 2 1'
#
loop_
_entity.id
_entity.type
_entity.pdbx_description
1 polymer 'RNA RIBOSWITCH'
2 polymer 'RNA (56-MER)'
3 non-polymer 'MAGNESIUM ION'
4 non-polymer '4-{benzyl[2-(7,8-dimethyl-2,4-dioxo-3,4-dihydrobenzo[g]pteridin-10(2H)-yl)ethyl]amino}butanoic acid'
5 non-polymer 'POTASSIUM ION'
6 water water
#
loop_
_entity_poly.entity_id
_entity_poly.type
_entity_poly.pdbx_seq_one_letter_code
_entity_poly.pdbx_strand_id
1 'polyribonucleotide' GGAUCUUCGGGGCAGGGUGAAAUUCCCGACCGGUGGUAUAGUCCACGAAAGCUU X
2 'polyribonucleotide' GCUUUGAUUUGGUGAAAUUCCAAAACCGACAGUAGAGUCUGGAUGAGAGAAGAUUC Y
#
loop_
_chem_comp.id
_chem_comp.type
_chem_comp.name
_chem_comp.formula
A RNA linking ADENOSINE-5'-MONOPHOSPHATE 'C10 H14 N5 O7 P'
C RNA linking CYTIDINE-5'-MONOPHOSPHATE 'C9 H14 N3 O8 P'
G RNA linking GUANOSINE-5'-MONOPHOSPHATE 'C10 H14 N5 O8 P'
GZG non-polymer '4-{benzyl[2-(7,8-dimethyl-2,4-dioxo-3,4-dihydrobenzo[g]pteridin-10(2H)-yl)ethyl]amino}butanoic acid' 'C25 H27 N5 O4'
K non-polymer 'POTASSIUM ION' 'K 1'
MG non-polymer 'MAGNESIUM ION' 'Mg 2'
U RNA linking URIDINE-5'-MONOPHOSPHATE 'C9 H13 N2 O9 P'
#
# COMPACT_ATOMS: atom_id res chain seq x y z
MG MG C . 18.32 -2.25 -0.03
MG MG D . -2.33 -9.60 -8.62
MG MG E . -6.45 20.23 23.10
MG MG F . 5.09 16.65 16.55
MG MG G . 1.26 13.39 -0.34
MG MG H . -11.50 6.80 -2.00
C4 GZG I . 0.99 0.23 -0.93
C5 GZG I . -0.52 0.24 -0.85
C6 GZG I . -0.87 -1.23 -2.85
C7 GZG I . -1.42 -2.42 -3.40
C8 GZG I . -2.38 -3.01 -1.36
C9 GZG I . -3.19 -3.79 -0.51
C10 GZG I . -2.94 -2.33 1.22
C11 GZG I . -1.87 -1.85 -0.73
C12 GZG I . -1.25 -2.69 -4.77
C13 GZG I . -0.55 -1.80 -5.60
C14 GZG I . -0.55 -2.04 -7.09
C15 GZG I . 0.01 -0.63 -5.04
C16 GZG I . 0.82 0.33 -5.89
N1 GZG I . -1.10 -0.96 -1.49
C19 GZG I . 1.18 -2.63 0.86
O1 GZG I . 5.79 3.37 -0.27
O2 GZG I . -3.27 -1.95 2.49
C20 GZG I . 0.60 -3.69 0.18
C17 GZG I . -0.15 -0.36 -3.68
C18 GZG I . 2.08 -1.65 0.14
O GZG I . 4.22 4.03 1.18
C GZG I . 4.55 3.44 0.16
C1 GZG I . 3.56 2.76 -0.74
C2 GZG I . 3.57 1.23 -0.69
C3 GZG I . 2.85 0.63 0.53
N GZG I . 1.68 -0.23 0.26
C24 GZG I . 0.95 -2.51 2.22
C23 GZG I . 0.16 -3.44 2.89
C22 GZG I . -0.42 -4.48 2.19
C21 GZG I . -0.20 -4.60 0.83
N2 GZG I . -2.17 -3.32 -2.69
N4 GZG I . -2.13 -1.52 0.54
N3 GZG I . -3.50 -3.47 0.80
O3 GZG I . -3.65 -4.92 -0.97
K K J . -5.27 0.03 4.39
#